data_2AMN
#
_entry.id   2AMN
#
_entity_poly.entity_id   1
_entity_poly.type   'polypeptide(L)'
_entity_poly.pdbx_seq_one_letter_code
;RVKRVWPLVIRTVIAGYNLYRAIKKK
;
_entity_poly.pdbx_strand_id   A
#
# COMPACT_ATOMS: atom_id res chain seq x y z
N ARG A 1 11.01 6.66 13.64
CA ARG A 1 10.21 5.64 12.92
C ARG A 1 11.02 4.99 11.80
N VAL A 2 10.51 3.89 11.27
CA VAL A 2 11.18 3.18 10.19
C VAL A 2 11.11 3.96 8.88
N LYS A 3 12.03 3.68 7.97
CA LYS A 3 12.07 4.36 6.69
C LYS A 3 11.68 3.40 5.55
N ARG A 4 11.99 2.12 5.74
CA ARG A 4 11.67 1.11 4.73
C ARG A 4 11.84 -0.29 5.31
N VAL A 5 10.73 -1.00 5.48
CA VAL A 5 10.76 -2.35 6.03
C VAL A 5 10.48 -3.37 4.94
N TRP A 6 9.25 -3.39 4.44
CA TRP A 6 8.86 -4.33 3.39
C TRP A 6 8.59 -3.59 2.07
N PRO A 7 9.45 -3.78 1.06
CA PRO A 7 9.32 -3.11 -0.23
C PRO A 7 8.21 -3.68 -1.11
N LEU A 8 8.11 -5.02 -1.15
CA LEU A 8 7.10 -5.67 -1.99
C LEU A 8 5.87 -6.08 -1.17
N VAL A 9 6.10 -6.51 0.06
CA VAL A 9 5.00 -6.94 0.92
C VAL A 9 3.91 -5.87 1.01
N ILE A 10 4.29 -4.69 1.48
CA ILE A 10 3.35 -3.59 1.61
C ILE A 10 2.72 -3.23 0.27
N ARG A 11 3.54 -3.17 -0.77
CA ARG A 11 3.08 -2.84 -2.10
C ARG A 11 1.94 -3.74 -2.55
N THR A 12 1.82 -4.90 -1.93
CA THR A 12 0.76 -5.84 -2.27
C THR A 12 -0.52 -5.45 -1.55
N VAL A 13 -0.40 -5.25 -0.25
CA VAL A 13 -1.52 -4.85 0.57
C VAL A 13 -2.00 -3.45 0.17
N ILE A 14 -1.05 -2.60 -0.22
CA ILE A 14 -1.37 -1.24 -0.62
C ILE A 14 -1.95 -1.22 -2.04
N ALA A 15 -1.37 -2.00 -2.93
CA ALA A 15 -1.84 -2.06 -4.31
C ALA A 15 -3.03 -3.00 -4.46
N GLY A 16 -3.47 -3.59 -3.36
CA GLY A 16 -4.60 -4.50 -3.40
C GLY A 16 -5.77 -4.03 -2.54
N TYR A 17 -5.50 -3.13 -1.59
CA TYR A 17 -6.55 -2.63 -0.72
C TYR A 17 -6.30 -1.18 -0.31
N ASN A 18 -5.37 -0.51 -1.01
CA ASN A 18 -5.05 0.88 -0.69
C ASN A 18 -4.92 1.71 -1.97
N LEU A 19 -5.20 1.11 -3.12
CA LEU A 19 -5.13 1.81 -4.39
C LEU A 19 -6.49 2.36 -4.79
N TYR A 20 -7.55 1.67 -4.37
CA TYR A 20 -8.90 2.09 -4.68
C TYR A 20 -9.71 2.26 -3.39
N ARG A 21 -9.68 1.24 -2.54
CA ARG A 21 -10.40 1.26 -1.28
C ARG A 21 -9.95 2.43 -0.42
N ALA A 22 -8.65 2.64 -0.35
CA ALA A 22 -8.09 3.73 0.45
C ALA A 22 -8.35 5.09 -0.21
N ILE A 23 -7.94 5.21 -1.47
CA ILE A 23 -8.12 6.45 -2.21
C ILE A 23 -9.56 6.95 -2.12
N LYS A 24 -10.49 6.09 -2.51
CA LYS A 24 -11.91 6.42 -2.47
C LYS A 24 -12.34 6.86 -1.07
N LYS A 25 -11.61 6.41 -0.06
CA LYS A 25 -11.92 6.75 1.33
C LYS A 25 -11.10 7.94 1.79
N LYS A 26 -10.96 8.93 0.92
CA LYS A 26 -10.20 10.13 1.24
C LYS A 26 -10.99 11.04 2.17
N ARG A 1 1.27 8.15 9.82
CA ARG A 1 1.97 7.25 8.85
C ARG A 1 3.34 6.83 9.37
N VAL A 2 3.68 5.56 9.15
CA VAL A 2 4.96 5.02 9.61
C VAL A 2 5.82 4.59 8.43
N LYS A 3 7.11 4.48 8.66
CA LYS A 3 8.05 4.08 7.61
C LYS A 3 7.68 2.71 7.06
N ARG A 4 8.04 2.47 5.80
CA ARG A 4 7.75 1.19 5.15
C ARG A 4 8.95 0.25 5.24
N VAL A 5 8.78 -0.85 5.96
CA VAL A 5 9.85 -1.83 6.12
C VAL A 5 9.94 -2.74 4.90
N TRP A 6 8.86 -3.45 4.61
CA TRP A 6 8.82 -4.36 3.47
C TRP A 6 8.64 -3.58 2.18
N PRO A 7 9.59 -3.73 1.22
CA PRO A 7 9.53 -3.03 -0.06
C PRO A 7 8.47 -3.57 -1.02
N LEU A 8 8.33 -4.89 -1.08
CA LEU A 8 7.38 -5.51 -1.99
C LEU A 8 6.10 -5.94 -1.27
N VAL A 9 6.25 -6.41 -0.05
CA VAL A 9 5.10 -6.87 0.73
C VAL A 9 4.05 -5.78 0.85
N ILE A 10 4.45 -4.63 1.38
CA ILE A 10 3.54 -3.51 1.54
C ILE A 10 2.88 -3.14 0.22
N ARG A 11 3.67 -3.12 -0.84
CA ARG A 11 3.17 -2.78 -2.17
C ARG A 11 2.01 -3.69 -2.57
N THR A 12 1.90 -4.85 -1.92
CA THR A 12 0.83 -5.79 -2.20
C THR A 12 -0.43 -5.35 -1.48
N VAL A 13 -0.30 -5.14 -0.19
CA VAL A 13 -1.41 -4.70 0.64
C VAL A 13 -1.90 -3.33 0.16
N ILE A 14 -0.96 -2.51 -0.28
CA ILE A 14 -1.29 -1.18 -0.77
C ILE A 14 -1.92 -1.24 -2.15
N ALA A 15 -1.42 -2.15 -2.98
CA ALA A 15 -1.94 -2.31 -4.34
C ALA A 15 -3.33 -2.96 -4.32
N GLY A 16 -3.68 -3.58 -3.20
CA GLY A 16 -4.97 -4.23 -3.09
C GLY A 16 -5.88 -3.58 -2.06
N TYR A 17 -5.50 -2.39 -1.60
CA TYR A 17 -6.30 -1.69 -0.60
C TYR A 17 -6.88 -0.40 -1.17
N ASN A 18 -6.01 0.56 -1.44
CA ASN A 18 -6.44 1.84 -2.00
C ASN A 18 -6.85 1.72 -3.46
N LEU A 19 -6.58 0.56 -4.06
CA LEU A 19 -6.93 0.32 -5.45
C LEU A 19 -8.15 -0.60 -5.55
N TYR A 20 -8.94 -0.62 -4.49
CA TYR A 20 -10.14 -1.45 -4.44
C TYR A 20 -10.98 -1.08 -3.23
N ARG A 21 -10.40 -1.23 -2.04
CA ARG A 21 -11.09 -0.91 -0.81
C ARG A 21 -11.40 0.57 -0.73
N ALA A 22 -10.46 1.40 -1.18
CA ALA A 22 -10.65 2.84 -1.17
C ALA A 22 -11.57 3.29 -2.30
N ILE A 23 -11.35 2.73 -3.49
CA ILE A 23 -12.17 3.07 -4.65
C ILE A 23 -13.66 2.93 -4.34
N LYS A 24 -14.05 1.75 -3.86
CA LYS A 24 -15.43 1.48 -3.53
C LYS A 24 -15.97 2.51 -2.53
N LYS A 25 -15.09 3.01 -1.67
CA LYS A 25 -15.48 4.01 -0.68
C LYS A 25 -15.76 5.36 -1.33
N LYS A 26 -15.03 5.65 -2.40
CA LYS A 26 -15.22 6.91 -3.12
C LYS A 26 -15.86 6.68 -4.48
N ARG A 1 5.83 9.39 11.64
CA ARG A 1 7.28 9.10 11.51
C ARG A 1 7.59 8.33 10.22
N VAL A 2 8.86 8.21 9.90
CA VAL A 2 9.29 7.50 8.70
C VAL A 2 9.72 6.08 9.03
N LYS A 3 8.74 5.16 9.10
CA LYS A 3 9.03 3.77 9.41
C LYS A 3 8.66 2.87 8.23
N ARG A 4 9.41 1.77 8.08
CA ARG A 4 9.17 0.82 7.00
C ARG A 4 9.97 -0.45 7.21
N VAL A 5 9.37 -1.59 6.85
CA VAL A 5 10.03 -2.88 7.01
C VAL A 5 9.97 -3.69 5.73
N TRP A 6 8.76 -4.03 5.30
CA TRP A 6 8.57 -4.82 4.08
C TRP A 6 8.39 -3.89 2.87
N PRO A 7 9.38 -3.87 1.96
CA PRO A 7 9.34 -3.02 0.77
C PRO A 7 8.37 -3.51 -0.30
N LEU A 8 8.32 -4.82 -0.51
CA LEU A 8 7.45 -5.39 -1.53
C LEU A 8 6.13 -5.89 -0.94
N VAL A 9 6.21 -6.49 0.24
CA VAL A 9 5.03 -7.02 0.90
C VAL A 9 3.94 -5.96 1.03
N ILE A 10 4.25 -4.89 1.75
CA ILE A 10 3.32 -3.80 1.95
C ILE A 10 2.84 -3.24 0.61
N ARG A 11 3.75 -3.14 -0.34
CA ARG A 11 3.43 -2.62 -1.66
C ARG A 11 2.33 -3.45 -2.33
N THR A 12 2.13 -4.67 -1.83
CA THR A 12 1.10 -5.55 -2.37
C THR A 12 -0.25 -5.17 -1.78
N VAL A 13 -0.28 -5.09 -0.46
CA VAL A 13 -1.50 -4.72 0.25
C VAL A 13 -1.95 -3.33 -0.19
N ILE A 14 -0.98 -2.47 -0.46
CA ILE A 14 -1.27 -1.11 -0.89
C ILE A 14 -1.98 -1.12 -2.24
N ALA A 15 -1.49 -1.93 -3.16
CA ALA A 15 -2.08 -2.03 -4.48
C ALA A 15 -3.55 -2.45 -4.40
N GLY A 16 -3.86 -3.24 -3.38
CA GLY A 16 -5.23 -3.70 -3.20
C GLY A 16 -6.03 -2.80 -2.26
N TYR A 17 -5.36 -1.81 -1.67
CA TYR A 17 -6.02 -0.89 -0.76
C TYR A 17 -6.24 0.47 -1.42
N ASN A 18 -5.26 0.89 -2.22
CA ASN A 18 -5.33 2.16 -2.91
C ASN A 18 -6.14 2.06 -4.21
N LEU A 19 -6.76 0.89 -4.43
CA LEU A 19 -7.55 0.68 -5.63
C LEU A 19 -9.05 0.74 -5.31
N TYR A 20 -9.47 -0.09 -4.36
CA TYR A 20 -10.87 -0.11 -3.95
C TYR A 20 -11.33 1.26 -3.50
N ARG A 21 -10.67 1.78 -2.47
CA ARG A 21 -11.00 3.09 -1.93
C ARG A 21 -10.85 4.17 -2.99
N ALA A 22 -9.69 4.21 -3.63
CA ALA A 22 -9.42 5.19 -4.67
C ALA A 22 -10.43 5.10 -5.81
N ILE A 23 -10.52 3.93 -6.44
CA ILE A 23 -11.45 3.71 -7.53
C ILE A 23 -12.86 4.14 -7.14
N LYS A 24 -13.28 3.73 -5.95
CA LYS A 24 -14.60 4.06 -5.45
C LYS A 24 -14.82 5.57 -5.43
N LYS A 25 -13.74 6.32 -5.18
CA LYS A 25 -13.82 7.78 -5.14
C LYS A 25 -14.08 8.34 -6.53
N LYS A 26 -15.33 8.68 -6.81
CA LYS A 26 -15.71 9.23 -8.10
C LYS A 26 -15.41 8.24 -9.23
N ARG A 1 23.56 0.58 8.93
CA ARG A 1 22.31 0.89 9.67
C ARG A 1 21.30 1.60 8.78
N VAL A 2 20.25 0.88 8.39
CA VAL A 2 19.22 1.45 7.54
C VAL A 2 17.83 1.21 8.12
N LYS A 3 17.54 -0.04 8.46
CA LYS A 3 16.24 -0.40 9.03
C LYS A 3 15.12 -0.07 8.06
N ARG A 4 14.93 -0.92 7.06
CA ARG A 4 13.88 -0.71 6.06
C ARG A 4 12.69 -1.61 6.33
N VAL A 5 11.54 -1.24 5.77
CA VAL A 5 10.32 -2.03 5.96
C VAL A 5 10.12 -3.01 4.81
N TRP A 6 8.96 -3.64 4.75
CA TRP A 6 8.65 -4.60 3.70
C TRP A 6 8.47 -3.88 2.36
N PRO A 7 9.41 -4.07 1.42
CA PRO A 7 9.36 -3.42 0.10
C PRO A 7 8.29 -4.00 -0.83
N LEU A 8 8.13 -5.31 -0.82
CA LEU A 8 7.16 -5.96 -1.68
C LEU A 8 5.88 -6.33 -0.94
N VAL A 9 6.01 -6.74 0.31
CA VAL A 9 4.85 -7.12 1.10
C VAL A 9 3.82 -5.99 1.15
N ILE A 10 4.24 -4.84 1.65
CA ILE A 10 3.37 -3.69 1.76
C ILE A 10 2.91 -3.22 0.39
N ARG A 11 3.84 -3.22 -0.57
CA ARG A 11 3.53 -2.77 -1.92
C ARG A 11 2.38 -3.58 -2.53
N THR A 12 2.14 -4.76 -1.99
CA THR A 12 1.06 -5.61 -2.48
C THR A 12 -0.25 -5.18 -1.83
N VAL A 13 -0.20 -5.03 -0.52
CA VAL A 13 -1.35 -4.62 0.25
C VAL A 13 -1.80 -3.24 -0.21
N ILE A 14 -0.84 -2.41 -0.60
CA ILE A 14 -1.12 -1.06 -1.06
C ILE A 14 -1.80 -1.07 -2.43
N ALA A 15 -1.34 -1.97 -3.29
CA ALA A 15 -1.89 -2.09 -4.63
C ALA A 15 -3.11 -3.01 -4.66
N GLY A 16 -3.52 -3.49 -3.49
CA GLY A 16 -4.66 -4.39 -3.41
C GLY A 16 -5.64 -4.02 -2.32
N TYR A 17 -5.25 -3.09 -1.44
CA TYR A 17 -6.11 -2.67 -0.35
C TYR A 17 -6.25 -1.15 -0.30
N ASN A 18 -5.20 -0.45 -0.70
CA ASN A 18 -5.20 1.01 -0.70
C ASN A 18 -5.72 1.57 -2.03
N LEU A 19 -6.43 0.74 -2.79
CA LEU A 19 -6.97 1.17 -4.07
C LEU A 19 -8.31 1.88 -3.88
N TYR A 20 -8.96 1.62 -2.75
CA TYR A 20 -10.24 2.24 -2.45
C TYR A 20 -10.20 2.92 -1.08
N ARG A 21 -9.83 2.15 -0.05
CA ARG A 21 -9.76 2.65 1.31
C ARG A 21 -8.83 3.86 1.39
N ALA A 22 -7.69 3.78 0.72
CA ALA A 22 -6.71 4.86 0.73
C ALA A 22 -7.13 5.99 -0.20
N ILE A 23 -7.47 5.65 -1.44
CA ILE A 23 -7.89 6.64 -2.43
C ILE A 23 -8.97 7.55 -1.86
N LYS A 24 -10.03 6.96 -1.33
CA LYS A 24 -11.14 7.71 -0.76
C LYS A 24 -10.65 8.71 0.27
N LYS A 25 -9.58 8.34 0.98
CA LYS A 25 -9.02 9.21 2.01
C LYS A 25 -7.96 10.15 1.41
N LYS A 26 -8.38 11.38 1.14
CA LYS A 26 -7.49 12.37 0.56
C LYS A 26 -7.15 13.46 1.58
N ARG A 1 16.01 9.26 9.71
CA ARG A 1 14.93 8.71 10.56
C ARG A 1 14.09 7.70 9.78
N VAL A 2 14.76 6.82 9.03
CA VAL A 2 14.08 5.81 8.25
C VAL A 2 15.08 4.89 7.56
N LYS A 3 14.78 3.59 7.55
CA LYS A 3 15.66 2.60 6.93
C LYS A 3 14.89 1.76 5.91
N ARG A 4 13.87 2.37 5.29
CA ARG A 4 13.06 1.68 4.30
C ARG A 4 12.32 0.49 4.91
N VAL A 5 11.09 0.26 4.46
CA VAL A 5 10.28 -0.84 4.96
C VAL A 5 10.26 -1.99 3.96
N TRP A 6 9.30 -2.91 4.11
CA TRP A 6 9.18 -4.05 3.21
C TRP A 6 9.08 -3.58 1.76
N PRO A 7 9.63 -4.35 0.81
CA PRO A 7 9.60 -4.00 -0.60
C PRO A 7 8.36 -4.49 -1.33
N LEU A 8 8.12 -5.80 -1.32
CA LEU A 8 6.96 -6.37 -1.99
C LEU A 8 5.79 -6.56 -1.03
N VAL A 9 6.11 -6.88 0.22
CA VAL A 9 5.08 -7.10 1.24
C VAL A 9 4.05 -5.97 1.24
N ILE A 10 4.54 -4.74 1.36
CA ILE A 10 3.66 -3.59 1.38
C ILE A 10 3.06 -3.33 0.00
N ARG A 11 3.89 -3.38 -1.03
CA ARG A 11 3.45 -3.14 -2.39
C ARG A 11 2.24 -4.01 -2.75
N THR A 12 2.09 -5.12 -2.04
CA THR A 12 0.97 -6.02 -2.29
C THR A 12 -0.27 -5.49 -1.60
N VAL A 13 -0.12 -5.18 -0.32
CA VAL A 13 -1.21 -4.63 0.46
C VAL A 13 -1.64 -3.29 -0.09
N ILE A 14 -0.66 -2.52 -0.59
CA ILE A 14 -0.93 -1.22 -1.15
C ILE A 14 -1.73 -1.34 -2.45
N ALA A 15 -1.33 -2.27 -3.30
CA ALA A 15 -2.00 -2.49 -4.58
C ALA A 15 -3.39 -3.08 -4.39
N GLY A 16 -3.69 -3.52 -3.16
CA GLY A 16 -5.00 -4.11 -2.89
C GLY A 16 -5.87 -3.23 -2.02
N TYR A 17 -5.26 -2.21 -1.39
CA TYR A 17 -6.00 -1.31 -0.52
C TYR A 17 -5.95 0.13 -1.04
N ASN A 18 -4.82 0.51 -1.62
CA ASN A 18 -4.65 1.85 -2.15
C ASN A 18 -4.96 1.90 -3.65
N LEU A 19 -5.73 0.93 -4.12
CA LEU A 19 -6.10 0.86 -5.53
C LEU A 19 -7.37 1.68 -5.79
N TYR A 20 -8.11 1.99 -4.73
CA TYR A 20 -9.33 2.76 -4.84
C TYR A 20 -9.35 3.88 -3.81
N ARG A 21 -9.10 3.53 -2.56
CA ARG A 21 -9.09 4.50 -1.47
C ARG A 21 -8.06 5.60 -1.74
N ALA A 22 -6.88 5.19 -2.19
CA ALA A 22 -5.81 6.13 -2.49
C ALA A 22 -6.05 6.83 -3.83
N ILE A 23 -6.31 6.04 -4.86
CA ILE A 23 -6.56 6.59 -6.20
C ILE A 23 -7.60 7.69 -6.16
N LYS A 24 -8.71 7.43 -5.47
CA LYS A 24 -9.79 8.39 -5.35
C LYS A 24 -9.28 9.73 -4.83
N LYS A 25 -8.26 9.67 -3.98
CA LYS A 25 -7.68 10.88 -3.40
C LYS A 25 -6.30 11.16 -4.01
N LYS A 26 -6.24 11.17 -5.34
CA LYS A 26 -4.99 11.43 -6.04
C LYS A 26 -3.94 10.38 -5.69
N ARG A 1 17.58 5.41 -0.88
CA ARG A 1 16.84 6.68 -0.62
C ARG A 1 15.96 6.57 0.61
N VAL A 2 14.86 5.83 0.48
CA VAL A 2 13.92 5.64 1.58
C VAL A 2 13.56 4.17 1.74
N LYS A 3 13.37 3.74 2.98
CA LYS A 3 13.02 2.35 3.25
C LYS A 3 12.40 2.21 4.65
N ARG A 4 11.30 1.47 4.73
CA ARG A 4 10.62 1.25 6.00
C ARG A 4 10.86 -0.17 6.50
N VAL A 5 10.23 -1.13 5.82
CA VAL A 5 10.37 -2.54 6.19
C VAL A 5 10.26 -3.44 4.96
N TRP A 6 9.04 -3.58 4.45
CA TRP A 6 8.79 -4.41 3.27
C TRP A 6 8.42 -3.53 2.07
N PRO A 7 9.39 -3.25 1.19
CA PRO A 7 9.17 -2.40 0.00
C PRO A 7 8.19 -3.00 -1.01
N LEU A 8 8.21 -4.32 -1.18
CA LEU A 8 7.34 -4.98 -2.14
C LEU A 8 6.10 -5.57 -1.48
N VAL A 9 6.27 -6.12 -0.29
CA VAL A 9 5.16 -6.74 0.43
C VAL A 9 4.02 -5.74 0.61
N ILE A 10 4.32 -4.64 1.30
CA ILE A 10 3.33 -3.60 1.55
C ILE A 10 2.67 -3.13 0.25
N ARG A 11 3.48 -3.02 -0.81
CA ARG A 11 2.99 -2.58 -2.10
C ARG A 11 1.83 -3.45 -2.59
N THR A 12 1.70 -4.64 -2.03
CA THR A 12 0.63 -5.55 -2.40
C THR A 12 -0.64 -5.18 -1.66
N VAL A 13 -0.51 -5.04 -0.34
CA VAL A 13 -1.62 -4.68 0.50
C VAL A 13 -2.13 -3.30 0.12
N ILE A 14 -1.21 -2.42 -0.27
CA ILE A 14 -1.56 -1.08 -0.67
C ILE A 14 -2.41 -1.08 -1.94
N ALA A 15 -2.07 -1.97 -2.86
CA ALA A 15 -2.80 -2.07 -4.13
C ALA A 15 -4.12 -2.82 -3.95
N GLY A 16 -4.36 -3.33 -2.74
CA GLY A 16 -5.59 -4.05 -2.49
C GLY A 16 -6.20 -3.74 -1.13
N TYR A 17 -5.81 -2.59 -0.56
CA TYR A 17 -6.33 -2.19 0.74
C TYR A 17 -6.26 -0.67 0.93
N ASN A 18 -5.23 -0.05 0.37
CA ASN A 18 -5.05 1.39 0.48
C ASN A 18 -5.80 2.13 -0.63
N LEU A 19 -6.73 1.45 -1.28
CA LEU A 19 -7.51 2.06 -2.36
C LEU A 19 -8.75 2.75 -1.79
N TYR A 20 -9.15 2.35 -0.58
CA TYR A 20 -10.31 2.93 0.07
C TYR A 20 -9.96 3.38 1.48
N ARG A 21 -9.35 2.48 2.25
CA ARG A 21 -8.96 2.77 3.62
C ARG A 21 -7.97 3.93 3.67
N ALA A 22 -6.97 3.90 2.80
CA ALA A 22 -5.96 4.94 2.76
C ALA A 22 -6.52 6.24 2.18
N ILE A 23 -7.11 6.14 0.99
CA ILE A 23 -7.69 7.31 0.33
C ILE A 23 -8.68 8.02 1.25
N LYS A 24 -9.45 7.25 2.00
CA LYS A 24 -10.42 7.79 2.92
C LYS A 24 -9.76 8.74 3.91
N LYS A 25 -8.54 8.40 4.33
CA LYS A 25 -7.80 9.23 5.28
C LYS A 25 -7.37 10.54 4.64
N LYS A 26 -8.21 11.56 4.80
CA LYS A 26 -7.91 12.88 4.23
C LYS A 26 -7.78 12.81 2.72
N ARG A 1 15.59 -2.33 4.27
CA ARG A 1 17.01 -1.89 4.25
C ARG A 1 17.74 -2.26 5.54
N VAL A 2 17.29 -1.68 6.65
CA VAL A 2 17.90 -1.96 7.95
C VAL A 2 16.83 -2.16 9.02
N LYS A 3 15.84 -1.26 9.03
CA LYS A 3 14.76 -1.34 10.00
C LYS A 3 13.79 -2.47 9.67
N ARG A 4 12.75 -2.61 10.47
CA ARG A 4 11.75 -3.66 10.25
C ARG A 4 10.66 -3.18 9.31
N VAL A 5 10.90 -3.32 8.01
CA VAL A 5 9.93 -2.91 7.00
C VAL A 5 9.89 -3.90 5.84
N TRP A 6 8.76 -3.91 5.13
CA TRP A 6 8.59 -4.81 3.99
C TRP A 6 8.51 -4.01 2.69
N PRO A 7 9.58 -4.08 1.86
CA PRO A 7 9.65 -3.33 0.59
C PRO A 7 8.65 -3.83 -0.46
N LEU A 8 8.44 -5.14 -0.52
CA LEU A 8 7.54 -5.71 -1.52
C LEU A 8 6.19 -6.11 -0.93
N VAL A 9 6.21 -6.59 0.31
CA VAL A 9 4.98 -7.01 0.97
C VAL A 9 3.97 -5.87 1.02
N ILE A 10 4.40 -4.72 1.50
CA ILE A 10 3.53 -3.55 1.59
C ILE A 10 2.97 -3.18 0.23
N ARG A 11 3.85 -3.08 -0.77
CA ARG A 11 3.44 -2.73 -2.11
C ARG A 11 2.31 -3.62 -2.62
N THR A 12 2.19 -4.81 -2.03
CA THR A 12 1.14 -5.73 -2.41
C THR A 12 -0.15 -5.35 -1.72
N VAL A 13 -0.06 -5.16 -0.40
CA VAL A 13 -1.20 -4.77 0.39
C VAL A 13 -1.69 -3.39 -0.03
N ILE A 14 -0.75 -2.53 -0.39
CA ILE A 14 -1.06 -1.17 -0.82
C ILE A 14 -1.87 -1.20 -2.11
N ALA A 15 -1.50 -2.09 -3.01
CA ALA A 15 -2.18 -2.22 -4.29
C ALA A 15 -3.62 -2.70 -4.11
N GLY A 16 -3.89 -3.34 -2.98
CA GLY A 16 -5.23 -3.84 -2.71
C GLY A 16 -5.95 -3.04 -1.64
N TYR A 17 -5.37 -1.91 -1.24
CA TYR A 17 -5.98 -1.06 -0.21
C TYR A 17 -6.22 0.34 -0.75
N ASN A 18 -5.30 0.85 -1.55
CA ASN A 18 -5.41 2.19 -2.13
C ASN A 18 -6.03 2.14 -3.52
N LEU A 19 -6.72 1.06 -3.83
CA LEU A 19 -7.36 0.90 -5.13
C LEU A 19 -8.78 1.44 -5.10
N TYR A 20 -9.37 1.50 -3.90
CA TYR A 20 -10.72 2.01 -3.73
C TYR A 20 -10.73 3.20 -2.76
N ARG A 21 -10.17 2.98 -1.58
CA ARG A 21 -10.11 4.02 -0.56
C ARG A 21 -9.34 5.24 -1.05
N ALA A 22 -8.17 4.98 -1.62
CA ALA A 22 -7.32 6.06 -2.13
C ALA A 22 -7.97 6.76 -3.31
N ILE A 23 -8.31 5.99 -4.35
CA ILE A 23 -8.94 6.55 -5.54
C ILE A 23 -10.16 7.37 -5.19
N LYS A 24 -11.03 6.80 -4.35
CA LYS A 24 -12.25 7.47 -3.93
C LYS A 24 -11.93 8.82 -3.27
N LYS A 25 -10.80 8.87 -2.59
CA LYS A 25 -10.37 10.10 -1.91
C LYS A 25 -10.18 11.23 -2.91
N LYS A 26 -9.68 10.89 -4.09
CA LYS A 26 -9.44 11.88 -5.14
C LYS A 26 -8.48 12.96 -4.66
N ARG A 1 13.89 -1.24 12.58
CA ARG A 1 14.10 -0.80 11.16
C ARG A 1 13.15 0.33 10.79
N VAL A 2 13.64 1.56 10.87
CA VAL A 2 12.83 2.73 10.55
C VAL A 2 13.00 3.11 9.08
N LYS A 3 12.03 3.86 8.56
CA LYS A 3 12.07 4.29 7.17
C LYS A 3 11.93 3.11 6.21
N ARG A 4 10.71 2.81 5.82
CA ARG A 4 10.45 1.70 4.91
C ARG A 4 10.86 0.37 5.53
N VAL A 5 9.89 -0.51 5.75
CA VAL A 5 10.16 -1.82 6.33
C VAL A 5 10.24 -2.89 5.26
N TRP A 6 9.10 -3.18 4.63
CA TRP A 6 9.04 -4.18 3.58
C TRP A 6 8.96 -3.52 2.20
N PRO A 7 9.58 -4.14 1.18
CA PRO A 7 9.59 -3.58 -0.18
C PRO A 7 8.41 -4.04 -1.04
N LEU A 8 8.25 -5.35 -1.20
CA LEU A 8 7.17 -5.88 -2.02
C LEU A 8 5.95 -6.22 -1.17
N VAL A 9 6.18 -6.58 0.08
CA VAL A 9 5.10 -6.93 0.98
C VAL A 9 4.06 -5.82 1.04
N ILE A 10 4.48 -4.64 1.44
CA ILE A 10 3.59 -3.49 1.54
C ILE A 10 2.94 -3.19 0.20
N ARG A 11 3.76 -3.14 -0.86
CA ARG A 11 3.27 -2.86 -2.20
C ARG A 11 2.16 -3.82 -2.60
N THR A 12 2.06 -4.95 -1.90
CA THR A 12 1.04 -5.94 -2.19
C THR A 12 -0.26 -5.54 -1.51
N VAL A 13 -0.15 -5.22 -0.23
CA VAL A 13 -1.29 -4.79 0.55
C VAL A 13 -1.86 -3.49 -0.02
N ILE A 14 -0.96 -2.63 -0.48
CA ILE A 14 -1.35 -1.36 -1.06
C ILE A 14 -2.22 -1.58 -2.29
N ALA A 15 -1.87 -2.59 -3.07
CA ALA A 15 -2.62 -2.92 -4.29
C ALA A 15 -4.05 -3.33 -3.95
N GLY A 16 -4.26 -3.77 -2.71
CA GLY A 16 -5.59 -4.19 -2.29
C GLY A 16 -6.18 -3.30 -1.22
N TYR A 17 -5.42 -2.30 -0.76
CA TYR A 17 -5.90 -1.39 0.27
C TYR A 17 -5.76 0.07 -0.15
N ASN A 18 -5.27 0.29 -1.36
CA ASN A 18 -5.08 1.65 -1.87
C ASN A 18 -5.42 1.75 -3.35
N LEU A 19 -4.97 0.77 -4.13
CA LEU A 19 -5.23 0.76 -5.56
C LEU A 19 -6.50 -0.03 -5.88
N TYR A 20 -7.34 -0.23 -4.87
CA TYR A 20 -8.59 -0.97 -5.03
C TYR A 20 -9.56 -0.58 -3.94
N ARG A 21 -9.13 -0.72 -2.69
CA ARG A 21 -9.96 -0.39 -1.54
C ARG A 21 -10.14 1.11 -1.43
N ALA A 22 -9.05 1.85 -1.59
CA ALA A 22 -9.08 3.31 -1.50
C ALA A 22 -9.69 3.90 -2.77
N ILE A 23 -9.37 3.31 -3.92
CA ILE A 23 -9.88 3.79 -5.20
C ILE A 23 -11.39 3.93 -5.18
N LYS A 24 -12.07 2.83 -4.86
CA LYS A 24 -13.52 2.82 -4.79
C LYS A 24 -14.06 3.95 -3.92
N LYS A 25 -13.30 4.28 -2.88
CA LYS A 25 -13.69 5.35 -1.96
C LYS A 25 -13.39 6.72 -2.56
N LYS A 26 -14.40 7.33 -3.18
CA LYS A 26 -14.24 8.63 -3.80
C LYS A 26 -14.65 9.74 -2.83
N ARG A 1 20.94 2.52 10.33
CA ARG A 1 21.37 1.59 11.41
C ARG A 1 20.99 0.14 11.05
N VAL A 2 21.03 -0.19 9.77
CA VAL A 2 20.69 -1.52 9.31
C VAL A 2 19.24 -1.87 9.63
N LYS A 3 18.33 -1.38 8.79
CA LYS A 3 16.90 -1.63 8.98
C LYS A 3 16.10 -1.11 7.80
N ARG A 4 15.42 -2.02 7.11
CA ARG A 4 14.62 -1.65 5.96
C ARG A 4 13.21 -2.23 6.06
N VAL A 5 12.26 -1.59 5.39
CA VAL A 5 10.87 -2.05 5.40
C VAL A 5 10.62 -3.03 4.26
N TRP A 6 9.35 -3.27 3.94
CA TRP A 6 9.00 -4.18 2.86
C TRP A 6 8.44 -3.41 1.66
N PRO A 7 9.27 -3.18 0.63
CA PRO A 7 8.87 -2.44 -0.57
C PRO A 7 7.87 -3.18 -1.45
N LEU A 8 8.01 -4.50 -1.53
CA LEU A 8 7.11 -5.31 -2.35
C LEU A 8 5.97 -5.89 -1.53
N VAL A 9 6.28 -6.35 -0.34
CA VAL A 9 5.27 -6.92 0.55
C VAL A 9 4.09 -5.97 0.72
N ILE A 10 4.34 -4.84 1.36
CA ILE A 10 3.32 -3.84 1.58
C ILE A 10 2.67 -3.41 0.27
N ARG A 11 3.44 -3.45 -0.81
CA ARG A 11 2.95 -3.07 -2.13
C ARG A 11 1.70 -3.85 -2.51
N THR A 12 1.48 -4.99 -1.87
CA THR A 12 0.30 -5.80 -2.14
C THR A 12 -0.88 -5.27 -1.37
N VAL A 13 -0.66 -5.00 -0.08
CA VAL A 13 -1.70 -4.45 0.77
C VAL A 13 -2.12 -3.09 0.25
N ILE A 14 -1.15 -2.35 -0.30
CA ILE A 14 -1.41 -1.03 -0.84
C ILE A 14 -2.23 -1.11 -2.11
N ALA A 15 -1.76 -1.90 -3.07
CA ALA A 15 -2.44 -2.06 -4.34
C ALA A 15 -3.82 -2.70 -4.15
N GLY A 16 -3.96 -3.47 -3.06
CA GLY A 16 -5.23 -4.13 -2.78
C GLY A 16 -6.17 -3.27 -1.94
N TYR A 17 -5.66 -2.16 -1.43
CA TYR A 17 -6.46 -1.27 -0.60
C TYR A 17 -6.67 0.09 -1.28
N ASN A 18 -5.64 0.54 -1.99
CA ASN A 18 -5.72 1.83 -2.69
C ASN A 18 -6.44 1.70 -4.03
N LEU A 19 -6.90 0.49 -4.35
CA LEU A 19 -7.62 0.27 -5.60
C LEU A 19 -9.05 0.75 -5.50
N TYR A 20 -9.55 0.87 -4.28
CA TYR A 20 -10.92 1.34 -4.04
C TYR A 20 -10.93 2.49 -3.04
N ARG A 21 -10.29 2.27 -1.89
CA ARG A 21 -10.22 3.27 -0.84
C ARG A 21 -9.58 4.56 -1.35
N ALA A 22 -8.50 4.40 -2.12
CA ALA A 22 -7.79 5.55 -2.67
C ALA A 22 -8.52 6.11 -3.88
N ILE A 23 -8.84 5.24 -4.83
CA ILE A 23 -9.54 5.65 -6.06
C ILE A 23 -10.76 6.50 -5.73
N LYS A 24 -11.65 5.96 -4.90
CA LYS A 24 -12.86 6.66 -4.51
C LYS A 24 -12.55 8.05 -3.96
N LYS A 25 -11.38 8.18 -3.35
CA LYS A 25 -10.95 9.45 -2.76
C LYS A 25 -10.16 10.27 -3.77
N LYS A 26 -10.71 10.41 -4.98
CA LYS A 26 -10.05 11.18 -6.03
C LYS A 26 -10.80 12.47 -6.31
N ARG A 1 19.94 7.62 11.36
CA ARG A 1 19.79 6.26 10.80
C ARG A 1 18.62 6.19 9.82
N VAL A 2 18.55 5.10 9.06
CA VAL A 2 17.48 4.92 8.09
C VAL A 2 16.95 3.48 8.11
N LYS A 3 15.76 3.32 8.69
CA LYS A 3 15.14 2.00 8.78
C LYS A 3 14.52 1.61 7.44
N ARG A 4 14.50 0.30 7.17
CA ARG A 4 13.94 -0.21 5.92
C ARG A 4 12.72 -1.09 6.19
N VAL A 5 11.58 -0.72 5.60
CA VAL A 5 10.35 -1.47 5.77
C VAL A 5 10.21 -2.51 4.66
N TRP A 6 9.02 -3.09 4.54
CA TRP A 6 8.77 -4.11 3.52
C TRP A 6 8.56 -3.45 2.15
N PRO A 7 9.27 -3.91 1.12
CA PRO A 7 9.17 -3.35 -0.23
C PRO A 7 8.06 -3.96 -1.07
N LEU A 8 8.09 -5.28 -1.24
CA LEU A 8 7.08 -5.96 -2.05
C LEU A 8 5.89 -6.39 -1.20
N VAL A 9 6.15 -6.68 0.07
CA VAL A 9 5.10 -7.10 0.98
C VAL A 9 3.98 -6.08 1.03
N ILE A 10 4.29 -4.89 1.55
CA ILE A 10 3.30 -3.82 1.65
C ILE A 10 2.74 -3.46 0.27
N ARG A 11 3.60 -3.49 -0.74
CA ARG A 11 3.19 -3.15 -2.09
C ARG A 11 1.97 -3.96 -2.53
N THR A 12 1.75 -5.10 -1.88
CA THR A 12 0.62 -5.95 -2.18
C THR A 12 -0.64 -5.37 -1.56
N VAL A 13 -0.56 -5.15 -0.25
CA VAL A 13 -1.67 -4.57 0.48
C VAL A 13 -2.00 -3.19 -0.06
N ILE A 14 -0.96 -2.47 -0.47
CA ILE A 14 -1.13 -1.13 -1.01
C ILE A 14 -1.84 -1.17 -2.36
N ALA A 15 -1.50 -2.16 -3.17
CA ALA A 15 -2.11 -2.31 -4.49
C ALA A 15 -3.49 -2.97 -4.40
N GLY A 16 -3.86 -3.42 -3.20
CA GLY A 16 -5.15 -4.06 -3.02
C GLY A 16 -6.02 -3.35 -2.00
N TYR A 17 -5.46 -2.37 -1.30
CA TYR A 17 -6.21 -1.63 -0.30
C TYR A 17 -5.83 -0.15 -0.27
N ASN A 18 -5.07 0.28 -1.29
CA ASN A 18 -4.65 1.68 -1.36
C ASN A 18 -4.77 2.21 -2.79
N LEU A 19 -5.39 1.42 -3.66
CA LEU A 19 -5.58 1.83 -5.06
C LEU A 19 -6.99 2.34 -5.28
N TYR A 20 -7.94 1.75 -4.55
CA TYR A 20 -9.34 2.14 -4.66
C TYR A 20 -9.85 2.61 -3.30
N ARG A 21 -9.60 1.82 -2.27
CA ARG A 21 -10.02 2.15 -0.92
C ARG A 21 -9.42 3.46 -0.46
N ALA A 22 -8.10 3.60 -0.65
CA ALA A 22 -7.39 4.81 -0.26
C ALA A 22 -7.94 6.02 -1.00
N ILE A 23 -8.13 5.88 -2.30
CA ILE A 23 -8.65 6.96 -3.13
C ILE A 23 -9.92 7.56 -2.53
N LYS A 24 -10.79 6.68 -2.04
CA LYS A 24 -12.05 7.10 -1.44
C LYS A 24 -11.82 8.13 -0.34
N LYS A 25 -10.70 7.97 0.39
CA LYS A 25 -10.36 8.89 1.46
C LYS A 25 -9.79 10.19 0.92
N LYS A 26 -10.62 10.94 0.19
CA LYS A 26 -10.20 12.20 -0.40
C LYS A 26 -11.40 13.10 -0.68
N ARG A 1 18.00 -14.95 4.59
CA ARG A 1 18.18 -13.62 5.23
C ARG A 1 16.85 -12.90 5.36
N VAL A 2 16.75 -12.03 6.36
CA VAL A 2 15.53 -11.26 6.59
C VAL A 2 15.61 -9.88 5.95
N LYS A 3 14.56 -9.09 6.10
CA LYS A 3 14.51 -7.75 5.54
C LYS A 3 13.68 -6.82 6.42
N ARG A 4 14.29 -5.73 6.88
CA ARG A 4 13.60 -4.77 7.73
C ARG A 4 12.37 -4.21 7.02
N VAL A 5 12.59 -3.53 5.90
CA VAL A 5 11.50 -2.95 5.13
C VAL A 5 10.91 -3.98 4.18
N TRP A 6 9.63 -3.81 3.83
CA TRP A 6 8.96 -4.73 2.93
C TRP A 6 8.51 -4.01 1.66
N PRO A 7 9.41 -3.84 0.69
CA PRO A 7 9.12 -3.16 -0.58
C PRO A 7 8.06 -3.86 -1.42
N LEU A 8 8.06 -5.18 -1.40
CA LEU A 8 7.09 -5.96 -2.17
C LEU A 8 5.87 -6.31 -1.35
N VAL A 9 6.09 -6.71 -0.10
CA VAL A 9 5.00 -7.07 0.79
C VAL A 9 3.97 -5.96 0.88
N ILE A 10 4.42 -4.78 1.33
CA ILE A 10 3.56 -3.63 1.46
C ILE A 10 2.87 -3.30 0.14
N ARG A 11 3.63 -3.40 -0.95
CA ARG A 11 3.10 -3.12 -2.27
C ARG A 11 1.91 -4.01 -2.60
N THR A 12 1.77 -5.11 -1.87
CA THR A 12 0.67 -6.04 -2.08
C THR A 12 -0.57 -5.53 -1.36
N VAL A 13 -0.39 -5.21 -0.07
CA VAL A 13 -1.46 -4.69 0.73
C VAL A 13 -2.00 -3.40 0.13
N ILE A 14 -1.10 -2.63 -0.48
CA ILE A 14 -1.47 -1.38 -1.11
C ILE A 14 -2.32 -1.63 -2.35
N ALA A 15 -1.80 -2.46 -3.25
CA ALA A 15 -2.49 -2.78 -4.49
C ALA A 15 -3.82 -3.47 -4.21
N GLY A 16 -3.96 -4.05 -3.01
CA GLY A 16 -5.18 -4.74 -2.65
C GLY A 16 -6.23 -3.81 -2.05
N TYR A 17 -5.79 -2.66 -1.56
CA TYR A 17 -6.70 -1.69 -0.96
C TYR A 17 -6.87 -0.46 -1.85
N ASN A 18 -5.76 -0.03 -2.45
CA ASN A 18 -5.79 1.13 -3.33
C ASN A 18 -6.60 0.87 -4.59
N LEU A 19 -6.71 -0.41 -4.96
CA LEU A 19 -7.47 -0.80 -6.15
C LEU A 19 -8.93 -0.34 -6.04
N TYR A 20 -9.38 -0.06 -4.83
CA TYR A 20 -10.75 0.38 -4.61
C TYR A 20 -10.78 1.82 -4.08
N ARG A 21 -10.19 2.02 -2.90
CA ARG A 21 -10.15 3.33 -2.28
C ARG A 21 -9.49 4.36 -3.20
N ALA A 22 -8.32 4.02 -3.72
CA ALA A 22 -7.58 4.90 -4.60
C ALA A 22 -8.24 5.02 -5.96
N ILE A 23 -8.51 3.87 -6.59
CA ILE A 23 -9.14 3.85 -7.90
C ILE A 23 -10.46 4.62 -7.90
N LYS A 24 -11.33 4.28 -6.96
CA LYS A 24 -12.62 4.94 -6.83
C LYS A 24 -12.45 6.44 -6.65
N LYS A 25 -11.33 6.84 -6.04
CA LYS A 25 -11.05 8.25 -5.81
C LYS A 25 -10.39 8.89 -7.02
N LYS A 26 -11.21 9.34 -7.96
CA LYS A 26 -10.70 9.97 -9.17
C LYS A 26 -9.85 8.99 -9.98
N ARG A 1 13.71 7.95 1.00
CA ARG A 1 12.79 7.16 1.86
C ARG A 1 12.16 8.03 2.95
N VAL A 2 10.83 8.00 3.01
CA VAL A 2 10.10 8.79 4.00
C VAL A 2 9.32 7.89 4.96
N LYS A 3 8.75 6.82 4.41
CA LYS A 3 7.97 5.88 5.22
C LYS A 3 8.05 4.48 4.63
N ARG A 4 7.25 3.57 5.20
CA ARG A 4 7.23 2.18 4.73
C ARG A 4 8.59 1.52 4.91
N VAL A 5 8.58 0.21 5.15
CA VAL A 5 9.81 -0.54 5.33
C VAL A 5 10.02 -1.57 4.22
N TRP A 6 9.09 -2.52 4.13
CA TRP A 6 9.16 -3.56 3.11
C TRP A 6 8.90 -2.98 1.72
N PRO A 7 9.51 -3.56 0.68
CA PRO A 7 9.35 -3.09 -0.69
C PRO A 7 8.19 -3.72 -1.44
N LEU A 8 8.18 -5.05 -1.54
CA LEU A 8 7.12 -5.76 -2.25
C LEU A 8 6.01 -6.17 -1.31
N VAL A 9 6.35 -6.44 -0.06
CA VAL A 9 5.38 -6.86 0.93
C VAL A 9 4.21 -5.86 1.01
N ILE A 10 4.54 -4.63 1.35
CA ILE A 10 3.53 -3.58 1.46
C ILE A 10 2.88 -3.32 0.10
N ARG A 11 3.67 -3.43 -0.96
CA ARG A 11 3.17 -3.19 -2.31
C ARG A 11 1.95 -4.07 -2.61
N THR A 12 1.79 -5.14 -1.84
CA THR A 12 0.66 -6.05 -2.03
C THR A 12 -0.57 -5.45 -1.35
N VAL A 13 -0.41 -5.09 -0.09
CA VAL A 13 -1.48 -4.50 0.67
C VAL A 13 -1.95 -3.22 0.00
N ILE A 14 -1.00 -2.51 -0.61
CA ILE A 14 -1.30 -1.26 -1.29
C ILE A 14 -2.10 -1.52 -2.57
N ALA A 15 -1.73 -2.59 -3.28
CA ALA A 15 -2.41 -2.96 -4.51
C ALA A 15 -3.86 -3.33 -4.25
N GLY A 16 -4.11 -3.91 -3.09
CA GLY A 16 -5.47 -4.31 -2.74
C GLY A 16 -6.25 -3.19 -2.08
N TYR A 17 -5.57 -2.09 -1.77
CA TYR A 17 -6.22 -0.95 -1.13
C TYR A 17 -6.56 0.13 -2.17
N ASN A 18 -5.53 0.72 -2.75
CA ASN A 18 -5.71 1.76 -3.76
C ASN A 18 -6.61 1.29 -4.90
N LEU A 19 -6.69 -0.02 -5.09
CA LEU A 19 -7.51 -0.60 -6.15
C LEU A 19 -8.96 -0.78 -5.70
N TYR A 20 -9.15 -0.90 -4.39
CA TYR A 20 -10.49 -1.09 -3.84
C TYR A 20 -10.80 -0.02 -2.79
N ARG A 21 -10.16 1.13 -2.92
CA ARG A 21 -10.36 2.23 -2.00
C ARG A 21 -10.23 3.56 -2.74
N ALA A 22 -9.17 3.68 -3.52
CA ALA A 22 -8.93 4.89 -4.29
C ALA A 22 -9.77 4.87 -5.57
N ILE A 23 -9.95 3.67 -6.11
CA ILE A 23 -10.73 3.50 -7.33
C ILE A 23 -12.15 4.04 -7.15
N LYS A 24 -12.84 3.51 -6.15
CA LYS A 24 -14.21 3.92 -5.86
C LYS A 24 -14.30 5.43 -5.70
N LYS A 25 -13.22 6.04 -5.22
CA LYS A 25 -13.17 7.49 -5.02
C LYS A 25 -12.91 8.21 -6.34
N LYS A 26 -13.98 8.62 -7.01
CA LYS A 26 -13.88 9.32 -8.29
C LYS A 26 -13.99 10.82 -8.09
N ARG A 1 16.08 -0.76 16.01
CA ARG A 1 17.41 -1.39 16.25
C ARG A 1 18.03 -1.89 14.95
N VAL A 2 17.18 -2.31 14.03
CA VAL A 2 17.64 -2.81 12.73
C VAL A 2 16.85 -2.19 11.58
N LYS A 3 15.53 -2.14 11.75
CA LYS A 3 14.66 -1.57 10.72
C LYS A 3 14.72 -2.38 9.44
N ARG A 4 13.56 -2.87 9.00
CA ARG A 4 13.49 -3.66 7.78
C ARG A 4 12.20 -3.36 7.01
N VAL A 5 12.30 -2.42 6.07
CA VAL A 5 11.15 -2.04 5.25
C VAL A 5 10.80 -3.14 4.26
N TRP A 6 9.54 -3.17 3.83
CA TRP A 6 9.08 -4.17 2.87
C TRP A 6 8.77 -3.53 1.52
N PRO A 7 9.42 -4.01 0.44
CA PRO A 7 9.23 -3.47 -0.90
C PRO A 7 8.00 -4.02 -1.63
N LEU A 8 7.94 -5.34 -1.78
CA LEU A 8 6.84 -5.98 -2.48
C LEU A 8 5.69 -6.30 -1.53
N VAL A 9 6.04 -6.59 -0.28
CA VAL A 9 5.04 -6.92 0.72
C VAL A 9 3.96 -5.86 0.80
N ILE A 10 4.34 -4.66 1.22
CA ILE A 10 3.42 -3.55 1.36
C ILE A 10 2.72 -3.27 0.02
N ARG A 11 3.48 -3.32 -1.06
CA ARG A 11 2.95 -3.06 -2.39
C ARG A 11 1.74 -3.95 -2.70
N THR A 12 1.63 -5.06 -1.98
CA THR A 12 0.52 -5.98 -2.19
C THR A 12 -0.68 -5.50 -1.39
N VAL A 13 -0.44 -5.18 -0.12
CA VAL A 13 -1.47 -4.68 0.75
C VAL A 13 -2.00 -3.35 0.23
N ILE A 14 -1.11 -2.56 -0.36
CA ILE A 14 -1.48 -1.27 -0.90
C ILE A 14 -2.21 -1.42 -2.22
N ALA A 15 -1.76 -2.37 -3.03
CA ALA A 15 -2.38 -2.62 -4.33
C ALA A 15 -3.72 -3.34 -4.19
N GLY A 16 -3.99 -3.87 -3.00
CA GLY A 16 -5.22 -4.58 -2.77
C GLY A 16 -6.23 -3.76 -2.00
N TYR A 17 -5.74 -2.78 -1.24
CA TYR A 17 -6.62 -1.92 -0.45
C TYR A 17 -6.91 -0.62 -1.17
N ASN A 18 -5.88 -0.02 -1.74
CA ASN A 18 -6.02 1.24 -2.47
C ASN A 18 -6.67 1.02 -3.83
N LEU A 19 -6.87 -0.23 -4.21
CA LEU A 19 -7.51 -0.55 -5.49
C LEU A 19 -8.97 -0.93 -5.28
N TYR A 20 -9.28 -1.45 -4.10
CA TYR A 20 -10.64 -1.85 -3.77
C TYR A 20 -11.17 -1.04 -2.59
N ARG A 21 -10.43 -1.08 -1.48
CA ARG A 21 -10.82 -0.36 -0.29
C ARG A 21 -10.92 1.14 -0.55
N ALA A 22 -9.89 1.69 -1.18
CA ALA A 22 -9.86 3.11 -1.49
C ALA A 22 -11.03 3.51 -2.40
N ILE A 23 -11.23 2.73 -3.46
CA ILE A 23 -12.32 3.01 -4.40
C ILE A 23 -13.66 3.17 -3.68
N LYS A 24 -13.94 2.22 -2.79
CA LYS A 24 -15.18 2.25 -2.03
C LYS A 24 -15.37 3.59 -1.32
N LYS A 25 -14.27 4.20 -0.91
CA LYS A 25 -14.31 5.49 -0.22
C LYS A 25 -14.37 6.64 -1.23
N LYS A 26 -13.72 6.44 -2.37
CA LYS A 26 -13.68 7.46 -3.42
C LYS A 26 -13.22 6.87 -4.75
N ARG A 1 15.74 -1.55 4.11
CA ARG A 1 15.33 -0.72 5.28
C ARG A 1 15.17 0.74 4.88
N VAL A 2 14.35 0.99 3.87
CA VAL A 2 14.12 2.36 3.40
C VAL A 2 12.64 2.74 3.54
N LYS A 3 12.37 3.67 4.46
CA LYS A 3 11.00 4.13 4.70
C LYS A 3 10.16 3.03 5.33
N ARG A 4 9.90 1.97 4.56
CA ARG A 4 9.10 0.86 5.06
C ARG A 4 9.96 -0.39 5.24
N VAL A 5 9.52 -1.29 6.11
CA VAL A 5 10.25 -2.52 6.37
C VAL A 5 10.13 -3.49 5.20
N TRP A 6 8.90 -3.89 4.90
CA TRP A 6 8.64 -4.82 3.80
C TRP A 6 8.48 -4.06 2.48
N PRO A 7 9.45 -4.22 1.55
CA PRO A 7 9.42 -3.52 0.26
C PRO A 7 8.39 -4.09 -0.72
N LEU A 8 8.28 -5.42 -0.75
CA LEU A 8 7.35 -6.07 -1.68
C LEU A 8 6.04 -6.44 -0.99
N VAL A 9 6.12 -6.87 0.26
CA VAL A 9 4.94 -7.26 1.01
C VAL A 9 3.90 -6.15 1.02
N ILE A 10 4.27 -5.01 1.59
CA ILE A 10 3.39 -3.85 1.68
C ILE A 10 2.91 -3.43 0.30
N ARG A 11 3.81 -3.49 -0.68
CA ARG A 11 3.49 -3.11 -2.04
C ARG A 11 2.28 -3.89 -2.58
N THR A 12 1.98 -5.01 -1.94
CA THR A 12 0.84 -5.84 -2.34
C THR A 12 -0.43 -5.28 -1.72
N VAL A 13 -0.36 -5.05 -0.41
CA VAL A 13 -1.48 -4.50 0.32
C VAL A 13 -1.85 -3.13 -0.23
N ILE A 14 -0.83 -2.38 -0.65
CA ILE A 14 -1.03 -1.06 -1.20
C ILE A 14 -1.80 -1.11 -2.52
N ALA A 15 -1.46 -2.10 -3.34
CA ALA A 15 -2.12 -2.28 -4.63
C ALA A 15 -3.45 -3.01 -4.49
N GLY A 16 -3.81 -3.38 -3.26
CA GLY A 16 -5.06 -4.08 -3.03
C GLY A 16 -6.01 -3.30 -2.15
N TYR A 17 -5.51 -2.25 -1.51
CA TYR A 17 -6.35 -1.43 -0.63
C TYR A 17 -6.63 -0.08 -1.27
N ASN A 18 -5.61 0.49 -1.91
CA ASN A 18 -5.74 1.78 -2.57
C ASN A 18 -6.80 1.73 -3.66
N LEU A 19 -6.99 0.54 -4.24
CA LEU A 19 -7.97 0.36 -5.30
C LEU A 19 -9.38 0.71 -4.81
N TYR A 20 -9.56 0.72 -3.49
CA TYR A 20 -10.86 1.04 -2.90
C TYR A 20 -10.72 2.17 -1.90
N ARG A 21 -9.85 1.98 -0.91
CA ARG A 21 -9.62 2.98 0.12
C ARG A 21 -9.18 4.31 -0.47
N ALA A 22 -8.43 4.25 -1.57
CA ALA A 22 -7.94 5.45 -2.23
C ALA A 22 -8.91 5.92 -3.30
N ILE A 23 -9.34 5.00 -4.15
CA ILE A 23 -10.27 5.32 -5.23
C ILE A 23 -11.53 5.98 -4.70
N LYS A 24 -12.02 5.48 -3.56
CA LYS A 24 -13.21 6.02 -2.94
C LYS A 24 -13.06 7.51 -2.67
N LYS A 25 -11.84 7.93 -2.34
CA LYS A 25 -11.57 9.34 -2.06
C LYS A 25 -10.93 10.02 -3.26
N LYS A 26 -11.33 9.59 -4.45
CA LYS A 26 -10.79 10.15 -5.69
C LYS A 26 -9.28 9.95 -5.77
N ARG A 1 15.93 7.15 -1.16
CA ARG A 1 16.30 5.81 -1.72
C ARG A 1 16.15 4.71 -0.68
N VAL A 2 16.34 5.07 0.59
CA VAL A 2 16.22 4.11 1.68
C VAL A 2 14.82 3.52 1.74
N LYS A 3 14.73 2.27 2.20
CA LYS A 3 13.44 1.59 2.31
C LYS A 3 12.98 1.54 3.76
N ARG A 4 11.79 0.98 3.98
CA ARG A 4 11.24 0.87 5.32
C ARG A 4 11.51 -0.50 5.92
N VAL A 5 10.80 -1.52 5.42
CA VAL A 5 10.97 -2.88 5.90
C VAL A 5 10.63 -3.89 4.81
N TRP A 6 9.36 -3.92 4.43
CA TRP A 6 8.90 -4.84 3.38
C TRP A 6 8.65 -4.10 2.07
N PRO A 7 9.55 -4.23 1.09
CA PRO A 7 9.43 -3.56 -0.20
C PRO A 7 8.32 -4.11 -1.09
N LEU A 8 8.14 -5.42 -1.08
CA LEU A 8 7.12 -6.05 -1.91
C LEU A 8 5.85 -6.36 -1.13
N VAL A 9 6.01 -6.78 0.12
CA VAL A 9 4.87 -7.11 0.96
C VAL A 9 3.88 -5.95 1.03
N ILE A 10 4.34 -4.82 1.54
CA ILE A 10 3.51 -3.63 1.66
C ILE A 10 2.91 -3.24 0.31
N ARG A 11 3.73 -3.33 -0.74
CA ARG A 11 3.29 -2.99 -2.08
C ARG A 11 2.11 -3.85 -2.52
N THR A 12 1.91 -4.97 -1.81
CA THR A 12 0.80 -5.87 -2.12
C THR A 12 -0.47 -5.36 -1.46
N VAL A 13 -0.35 -5.07 -0.18
CA VAL A 13 -1.47 -4.55 0.58
C VAL A 13 -1.95 -3.24 -0.01
N ILE A 14 -1.00 -2.47 -0.53
CA ILE A 14 -1.30 -1.19 -1.14
C ILE A 14 -1.86 -1.38 -2.54
N ALA A 15 -1.33 -2.35 -3.26
CA ALA A 15 -1.77 -2.64 -4.62
C ALA A 15 -2.97 -3.60 -4.63
N GLY A 16 -3.52 -3.85 -3.44
CA GLY A 16 -4.66 -4.76 -3.34
C GLY A 16 -5.79 -4.21 -2.48
N TYR A 17 -5.53 -3.14 -1.74
CA TYR A 17 -6.54 -2.54 -0.87
C TYR A 17 -6.68 -1.04 -1.12
N ASN A 18 -5.59 -0.41 -1.57
CA ASN A 18 -5.60 1.02 -1.84
C ASN A 18 -6.04 1.32 -3.27
N LEU A 19 -6.65 0.33 -3.92
CA LEU A 19 -7.12 0.51 -5.29
C LEU A 19 -8.51 1.14 -5.30
N TYR A 20 -9.29 0.85 -4.26
CA TYR A 20 -10.63 1.40 -4.14
C TYR A 20 -10.75 2.27 -2.89
N ARG A 21 -10.35 1.71 -1.76
CA ARG A 21 -10.41 2.44 -0.49
C ARG A 21 -9.66 3.76 -0.58
N ALA A 22 -8.44 3.70 -1.09
CA ALA A 22 -7.61 4.89 -1.23
C ALA A 22 -8.15 5.80 -2.33
N ILE A 23 -8.34 5.25 -3.52
CA ILE A 23 -8.86 6.02 -4.64
C ILE A 23 -10.16 6.72 -4.29
N LYS A 24 -11.05 5.98 -3.63
CA LYS A 24 -12.34 6.52 -3.22
C LYS A 24 -12.17 7.76 -2.36
N LYS A 25 -11.12 7.75 -1.53
CA LYS A 25 -10.84 8.87 -0.64
C LYS A 25 -9.86 9.85 -1.30
N LYS A 26 -10.41 10.91 -1.90
CA LYS A 26 -9.59 11.92 -2.56
C LYS A 26 -8.84 12.77 -1.54
N ARG A 1 20.40 3.76 14.90
CA ARG A 1 19.06 3.88 14.27
C ARG A 1 19.02 3.18 12.92
N VAL A 2 18.77 1.87 12.94
CA VAL A 2 18.69 1.09 11.71
C VAL A 2 17.30 0.50 11.51
N LYS A 3 16.53 1.11 10.63
CA LYS A 3 15.17 0.64 10.35
C LYS A 3 15.06 0.16 8.91
N ARG A 4 13.99 -0.59 8.63
CA ARG A 4 13.77 -1.11 7.28
C ARG A 4 12.36 -1.68 7.15
N VAL A 5 11.50 -0.97 6.41
CA VAL A 5 10.13 -1.40 6.20
C VAL A 5 10.06 -2.40 5.05
N TRP A 6 8.87 -2.97 4.83
CA TRP A 6 8.68 -3.94 3.76
C TRP A 6 8.52 -3.24 2.41
N PRO A 7 9.25 -3.68 1.37
CA PRO A 7 9.19 -3.08 0.05
C PRO A 7 8.11 -3.67 -0.85
N LEU A 8 8.15 -4.99 -1.07
CA LEU A 8 7.18 -5.66 -1.93
C LEU A 8 5.99 -6.15 -1.12
N VAL A 9 6.25 -6.56 0.12
CA VAL A 9 5.19 -7.06 0.98
C VAL A 9 4.02 -6.08 1.06
N ILE A 10 4.29 -4.89 1.57
CA ILE A 10 3.26 -3.87 1.68
C ILE A 10 2.69 -3.49 0.31
N ARG A 11 3.56 -3.52 -0.70
CA ARG A 11 3.16 -3.19 -2.06
C ARG A 11 1.94 -4.00 -2.49
N THR A 12 1.71 -5.13 -1.84
CA THR A 12 0.57 -5.97 -2.15
C THR A 12 -0.68 -5.39 -1.51
N VAL A 13 -0.60 -5.14 -0.21
CA VAL A 13 -1.70 -4.57 0.53
C VAL A 13 -2.05 -3.20 -0.05
N ILE A 14 -1.03 -2.49 -0.52
CA ILE A 14 -1.22 -1.17 -1.09
C ILE A 14 -2.13 -1.25 -2.32
N ALA A 15 -1.87 -2.25 -3.16
CA ALA A 15 -2.66 -2.44 -4.38
C ALA A 15 -4.01 -3.09 -4.07
N GLY A 16 -4.27 -3.39 -2.80
CA GLY A 16 -5.53 -4.01 -2.43
C GLY A 16 -6.36 -3.17 -1.47
N TYR A 17 -5.73 -2.15 -0.89
CA TYR A 17 -6.43 -1.27 0.06
C TYR A 17 -6.12 0.19 -0.20
N ASN A 18 -4.84 0.51 -0.28
CA ASN A 18 -4.40 1.88 -0.52
C ASN A 18 -4.97 2.42 -1.84
N LEU A 19 -5.36 1.52 -2.72
CA LEU A 19 -5.92 1.90 -4.02
C LEU A 19 -7.08 2.88 -3.85
N TYR A 20 -7.70 2.87 -2.68
CA TYR A 20 -8.82 3.74 -2.39
C TYR A 20 -8.58 4.55 -1.12
N ARG A 21 -8.35 3.84 -0.02
CA ARG A 21 -8.10 4.47 1.27
C ARG A 21 -6.90 5.42 1.20
N ALA A 22 -5.92 5.09 0.37
CA ALA A 22 -4.74 5.92 0.22
C ALA A 22 -4.91 6.95 -0.88
N ILE A 23 -5.38 6.51 -2.04
CA ILE A 23 -5.59 7.40 -3.17
C ILE A 23 -6.46 8.60 -2.77
N LYS A 24 -7.50 8.33 -2.00
CA LYS A 24 -8.41 9.37 -1.55
C LYS A 24 -7.65 10.48 -0.84
N LYS A 25 -6.56 10.12 -0.17
CA LYS A 25 -5.75 11.09 0.55
C LYS A 25 -4.41 11.31 -0.15
N LYS A 26 -4.42 11.19 -1.47
CA LYS A 26 -3.21 11.39 -2.26
C LYS A 26 -3.34 12.62 -3.16
N ARG A 1 8.47 11.43 8.23
CA ARG A 1 8.48 9.99 8.61
C ARG A 1 9.09 9.14 7.51
N VAL A 2 10.13 8.39 7.85
CA VAL A 2 10.80 7.52 6.89
C VAL A 2 11.12 6.16 7.50
N LYS A 3 10.81 5.09 6.77
CA LYS A 3 11.06 3.74 7.24
C LYS A 3 11.46 2.83 6.09
N ARG A 4 10.52 2.52 5.21
CA ARG A 4 10.78 1.66 4.06
C ARG A 4 11.32 0.31 4.52
N VAL A 5 10.48 -0.45 5.23
CA VAL A 5 10.88 -1.76 5.74
C VAL A 5 10.69 -2.83 4.69
N TRP A 6 9.43 -3.10 4.32
CA TRP A 6 9.12 -4.11 3.32
C TRP A 6 8.91 -3.48 1.95
N PRO A 7 9.51 -4.07 0.90
CA PRO A 7 9.39 -3.54 -0.46
C PRO A 7 8.21 -4.11 -1.24
N LEU A 8 8.16 -5.43 -1.38
CA LEU A 8 7.10 -6.09 -2.12
C LEU A 8 5.91 -6.40 -1.21
N VAL A 9 6.20 -6.68 0.05
CA VAL A 9 5.17 -7.00 1.02
C VAL A 9 4.08 -5.94 1.04
N ILE A 10 4.45 -4.74 1.46
CA ILE A 10 3.51 -3.64 1.53
C ILE A 10 2.92 -3.32 0.17
N ARG A 11 3.76 -3.42 -0.87
CA ARG A 11 3.33 -3.15 -2.23
C ARG A 11 2.12 -4.01 -2.62
N THR A 12 1.92 -5.11 -1.89
CA THR A 12 0.81 -6.01 -2.16
C THR A 12 -0.46 -5.45 -1.54
N VAL A 13 -0.35 -5.13 -0.25
CA VAL A 13 -1.46 -4.56 0.48
C VAL A 13 -1.90 -3.25 -0.16
N ILE A 14 -0.93 -2.52 -0.70
CA ILE A 14 -1.20 -1.25 -1.35
C ILE A 14 -1.99 -1.46 -2.64
N ALA A 15 -1.48 -2.34 -3.49
CA ALA A 15 -2.13 -2.63 -4.77
C ALA A 15 -3.50 -3.28 -4.56
N GLY A 16 -3.70 -3.88 -3.39
CA GLY A 16 -4.97 -4.52 -3.09
C GLY A 16 -5.96 -3.60 -2.42
N TYR A 17 -5.50 -2.42 -2.01
CA TYR A 17 -6.38 -1.45 -1.35
C TYR A 17 -6.52 -0.18 -2.17
N ASN A 18 -5.42 0.24 -2.81
CA ASN A 18 -5.44 1.45 -3.63
C ASN A 18 -6.15 1.20 -4.95
N LEU A 19 -6.14 -0.05 -5.41
CA LEU A 19 -6.79 -0.41 -6.67
C LEU A 19 -8.27 -0.05 -6.65
N TYR A 20 -8.83 0.11 -5.46
CA TYR A 20 -10.24 0.45 -5.31
C TYR A 20 -10.41 1.81 -4.66
N ARG A 21 -10.00 1.92 -3.40
CA ARG A 21 -10.11 3.16 -2.65
C ARG A 21 -9.43 4.32 -3.39
N ALA A 22 -8.23 4.06 -3.90
CA ALA A 22 -7.48 5.08 -4.62
C ALA A 22 -8.06 5.33 -6.00
N ILE A 23 -8.22 4.26 -6.77
CA ILE A 23 -8.78 4.36 -8.11
C ILE A 23 -10.13 5.05 -8.09
N LYS A 24 -11.01 4.57 -7.22
CA LYS A 24 -12.35 5.13 -7.11
C LYS A 24 -12.29 6.62 -6.76
N LYS A 25 -11.24 7.01 -6.04
CA LYS A 25 -11.07 8.40 -5.63
C LYS A 25 -10.97 9.31 -6.85
N LYS A 26 -9.93 9.14 -7.62
CA LYS A 26 -9.71 9.94 -8.82
C LYS A 26 -10.00 9.12 -10.08
N ARG A 1 8.61 10.54 0.27
CA ARG A 1 7.93 9.57 1.16
C ARG A 1 7.80 8.20 0.50
N VAL A 2 6.99 7.34 1.08
CA VAL A 2 6.77 6.00 0.55
C VAL A 2 8.06 5.18 0.59
N LYS A 3 8.20 4.35 1.61
CA LYS A 3 9.38 3.51 1.77
C LYS A 3 9.10 2.32 2.69
N ARG A 4 8.84 2.62 3.96
CA ARG A 4 8.55 1.59 4.95
C ARG A 4 9.67 0.56 5.00
N VAL A 5 9.41 -0.55 5.68
CA VAL A 5 10.40 -1.62 5.81
C VAL A 5 10.27 -2.63 4.68
N TRP A 6 9.08 -3.20 4.53
CA TRP A 6 8.81 -4.19 3.49
C TRP A 6 8.54 -3.50 2.15
N PRO A 7 9.43 -3.70 1.16
CA PRO A 7 9.30 -3.07 -0.16
C PRO A 7 8.19 -3.68 -1.02
N LEU A 8 8.07 -5.00 -1.02
CA LEU A 8 7.06 -5.67 -1.83
C LEU A 8 5.85 -6.11 -1.01
N VAL A 9 6.09 -6.50 0.23
CA VAL A 9 5.02 -6.95 1.11
C VAL A 9 3.91 -5.90 1.21
N ILE A 10 4.28 -4.69 1.60
CA ILE A 10 3.33 -3.61 1.73
C ILE A 10 2.79 -3.17 0.38
N ARG A 11 3.68 -3.03 -0.59
CA ARG A 11 3.30 -2.60 -1.93
C ARG A 11 2.19 -3.48 -2.52
N THR A 12 2.06 -4.69 -2.00
CA THR A 12 1.02 -5.60 -2.47
C THR A 12 -0.29 -5.28 -1.79
N VAL A 13 -0.23 -5.16 -0.47
CA VAL A 13 -1.40 -4.83 0.32
C VAL A 13 -1.88 -3.44 -0.02
N ILE A 14 -0.94 -2.55 -0.32
CA ILE A 14 -1.25 -1.18 -0.67
C ILE A 14 -1.74 -1.08 -2.11
N ALA A 15 -1.15 -1.88 -2.99
CA ALA A 15 -1.51 -1.88 -4.40
C ALA A 15 -2.96 -2.29 -4.60
N GLY A 16 -3.52 -3.01 -3.63
CA GLY A 16 -4.89 -3.45 -3.73
C GLY A 16 -5.83 -2.73 -2.77
N TYR A 17 -5.27 -1.92 -1.88
CA TYR A 17 -6.08 -1.18 -0.92
C TYR A 17 -5.98 0.33 -1.13
N ASN A 18 -4.90 0.77 -1.78
CA ASN A 18 -4.69 2.19 -2.04
C ASN A 18 -4.67 2.49 -3.54
N LEU A 19 -4.24 1.51 -4.32
CA LEU A 19 -4.17 1.68 -5.77
C LEU A 19 -5.40 1.07 -6.44
N TYR A 20 -6.49 1.00 -5.70
CA TYR A 20 -7.74 0.44 -6.20
C TYR A 20 -8.90 0.86 -5.31
N ARG A 21 -8.83 0.47 -4.04
CA ARG A 21 -9.86 0.80 -3.08
C ARG A 21 -9.88 2.30 -2.78
N ALA A 22 -8.70 2.87 -2.59
CA ALA A 22 -8.58 4.29 -2.31
C ALA A 22 -8.85 5.14 -3.53
N ILE A 23 -8.21 4.79 -4.65
CA ILE A 23 -8.39 5.52 -5.89
C ILE A 23 -9.86 5.65 -6.25
N LYS A 24 -10.53 4.51 -6.41
CA LYS A 24 -11.95 4.49 -6.74
C LYS A 24 -12.76 5.32 -5.75
N LYS A 25 -12.23 5.49 -4.54
CA LYS A 25 -12.92 6.26 -3.51
C LYS A 25 -12.45 7.71 -3.52
N LYS A 26 -12.35 8.29 -4.71
CA LYS A 26 -11.91 9.68 -4.86
C LYS A 26 -10.54 9.89 -4.22
N ARG A 1 8.66 4.77 15.93
CA ARG A 1 9.13 5.27 14.61
C ARG A 1 8.80 4.28 13.49
N VAL A 2 7.52 4.00 13.30
CA VAL A 2 7.08 3.07 12.27
C VAL A 2 6.61 3.82 11.02
N LYS A 3 7.18 3.48 9.88
CA LYS A 3 6.81 4.11 8.61
C LYS A 3 7.05 3.18 7.44
N ARG A 4 8.22 2.54 7.43
CA ARG A 4 8.57 1.62 6.35
C ARG A 4 9.32 0.40 6.89
N VAL A 5 8.64 -0.75 6.87
CA VAL A 5 9.24 -1.99 7.35
C VAL A 5 9.52 -2.95 6.21
N TRP A 6 8.45 -3.42 5.56
CA TRP A 6 8.58 -4.33 4.44
C TRP A 6 8.61 -3.58 3.12
N PRO A 7 9.36 -4.09 2.12
CA PRO A 7 9.48 -3.45 0.81
C PRO A 7 8.41 -3.88 -0.19
N LEU A 8 8.34 -5.18 -0.47
CA LEU A 8 7.36 -5.70 -1.42
C LEU A 8 6.08 -6.13 -0.73
N VAL A 9 6.22 -6.66 0.48
CA VAL A 9 5.07 -7.13 1.25
C VAL A 9 3.97 -6.07 1.29
N ILE A 10 4.30 -4.90 1.78
CA ILE A 10 3.34 -3.81 1.88
C ILE A 10 2.89 -3.34 0.51
N ARG A 11 3.85 -3.18 -0.40
CA ARG A 11 3.57 -2.73 -1.75
C ARG A 11 2.47 -3.57 -2.42
N THR A 12 2.27 -4.77 -1.91
CA THR A 12 1.24 -5.66 -2.44
C THR A 12 -0.12 -5.28 -1.87
N VAL A 13 -0.15 -5.16 -0.55
CA VAL A 13 -1.36 -4.77 0.14
C VAL A 13 -1.80 -3.38 -0.30
N ILE A 14 -0.80 -2.52 -0.57
CA ILE A 14 -1.08 -1.16 -1.00
C ILE A 14 -1.84 -1.16 -2.33
N ALA A 15 -1.41 -2.03 -3.24
CA ALA A 15 -2.05 -2.13 -4.54
C ALA A 15 -3.52 -2.52 -4.41
N GLY A 16 -3.85 -3.17 -3.30
CA GLY A 16 -5.23 -3.59 -3.07
C GLY A 16 -5.89 -2.84 -1.93
N TYR A 17 -5.29 -1.74 -1.51
CA TYR A 17 -5.83 -0.94 -0.41
C TYR A 17 -6.17 0.48 -0.89
N ASN A 18 -5.29 1.04 -1.70
CA ASN A 18 -5.49 2.39 -2.22
C ASN A 18 -6.57 2.41 -3.30
N LEU A 19 -7.00 1.24 -3.73
CA LEU A 19 -8.03 1.13 -4.76
C LEU A 19 -9.44 1.22 -4.15
N TYR A 20 -9.53 1.00 -2.83
CA TYR A 20 -10.81 1.07 -2.14
C TYR A 20 -10.77 2.07 -1.00
N ARG A 21 -9.85 1.84 -0.06
CA ARG A 21 -9.70 2.72 1.09
C ARG A 21 -9.48 4.17 0.65
N ALA A 22 -8.61 4.36 -0.33
CA ALA A 22 -8.31 5.70 -0.83
C ALA A 22 -9.45 6.22 -1.71
N ILE A 23 -9.84 5.42 -2.70
CA ILE A 23 -10.91 5.80 -3.61
C ILE A 23 -12.16 6.23 -2.84
N LYS A 24 -12.48 5.50 -1.78
CA LYS A 24 -13.64 5.80 -0.97
C LYS A 24 -13.60 7.25 -0.45
N LYS A 25 -12.39 7.73 -0.18
CA LYS A 25 -12.21 9.09 0.31
C LYS A 25 -12.60 10.11 -0.75
N LYS A 26 -12.37 9.76 -2.01
CA LYS A 26 -12.70 10.64 -3.12
C LYS A 26 -11.93 11.96 -3.03
N ARG A 1 9.86 5.92 15.73
CA ARG A 1 9.38 4.63 15.18
C ARG A 1 9.89 4.41 13.77
N VAL A 2 10.04 3.14 13.39
CA VAL A 2 10.52 2.79 12.05
C VAL A 2 9.42 2.97 11.02
N LYS A 3 9.82 3.29 9.79
CA LYS A 3 8.87 3.49 8.71
C LYS A 3 9.04 2.41 7.64
N ARG A 4 10.25 2.32 7.09
CA ARG A 4 10.55 1.34 6.05
C ARG A 4 10.86 -0.02 6.67
N VAL A 5 10.02 -1.01 6.38
CA VAL A 5 10.21 -2.35 6.92
C VAL A 5 10.19 -3.38 5.79
N TRP A 6 9.03 -3.54 5.15
CA TRP A 6 8.89 -4.48 4.05
C TRP A 6 8.86 -3.76 2.71
N PRO A 7 9.50 -4.34 1.67
CA PRO A 7 9.56 -3.74 0.36
C PRO A 7 8.40 -4.13 -0.56
N LEU A 8 8.24 -5.42 -0.80
CA LEU A 8 7.18 -5.92 -1.67
C LEU A 8 5.93 -6.28 -0.88
N VAL A 9 6.12 -6.72 0.36
CA VAL A 9 5.02 -7.09 1.23
C VAL A 9 3.95 -6.02 1.26
N ILE A 10 4.34 -4.82 1.66
CA ILE A 10 3.42 -3.70 1.75
C ILE A 10 2.93 -3.28 0.37
N ARG A 11 3.84 -3.29 -0.60
CA ARG A 11 3.51 -2.91 -1.96
C ARG A 11 2.36 -3.75 -2.52
N THR A 12 2.13 -4.91 -1.91
CA THR A 12 1.05 -5.78 -2.35
C THR A 12 -0.26 -5.33 -1.74
N VAL A 13 -0.22 -5.12 -0.43
CA VAL A 13 -1.38 -4.66 0.30
C VAL A 13 -1.83 -3.30 -0.22
N ILE A 14 -0.85 -2.49 -0.63
CA ILE A 14 -1.13 -1.17 -1.15
C ILE A 14 -1.73 -1.24 -2.54
N ALA A 15 -1.24 -2.17 -3.35
CA ALA A 15 -1.73 -2.34 -4.71
C ALA A 15 -2.98 -3.23 -4.76
N GLY A 16 -3.48 -3.60 -3.58
CA GLY A 16 -4.65 -4.46 -3.52
C GLY A 16 -5.73 -3.93 -2.59
N TYR A 17 -5.34 -3.10 -1.63
CA TYR A 17 -6.30 -2.55 -0.67
C TYR A 17 -6.33 -1.03 -0.74
N ASN A 18 -5.21 -0.41 -1.11
CA ASN A 18 -5.15 1.05 -1.20
C ASN A 18 -5.65 1.54 -2.56
N LEU A 19 -6.17 0.64 -3.38
CA LEU A 19 -6.70 1.00 -4.69
C LEU A 19 -8.10 1.60 -4.57
N TYR A 20 -8.68 1.51 -3.38
CA TYR A 20 -10.02 2.04 -3.15
C TYR A 20 -10.04 2.90 -1.89
N ARG A 21 -9.71 2.28 -0.75
CA ARG A 21 -9.69 2.97 0.52
C ARG A 21 -8.76 4.18 0.49
N ALA A 22 -7.59 4.00 -0.11
CA ALA A 22 -6.61 5.07 -0.21
C ALA A 22 -7.00 6.07 -1.30
N ILE A 23 -7.30 5.56 -2.49
CA ILE A 23 -7.68 6.40 -3.62
C ILE A 23 -8.74 7.42 -3.20
N LYS A 24 -9.90 6.92 -2.80
CA LYS A 24 -11.01 7.77 -2.38
C LYS A 24 -10.56 8.75 -1.29
N LYS A 25 -9.58 8.32 -0.49
CA LYS A 25 -9.06 9.15 0.59
C LYS A 25 -8.34 10.38 0.04
N LYS A 26 -7.27 10.12 -0.71
CA LYS A 26 -6.48 11.20 -1.30
C LYS A 26 -6.52 11.12 -2.82
#